data_2L4L
#
_entry.id   2L4L
#
loop_
_entity.id
_entity.type
_entity.pdbx_description
1 polymer 'HIV-1 nucleocapsid protein NCp7'
2 polymer "5'-D(*CP*TP*GP*G)-3'"
3 non-polymer 'ZINC ION'
#
loop_
_entity_poly.entity_id
_entity_poly.type
_entity_poly.pdbx_seq_one_letter_code
_entity_poly.pdbx_strand_id
1 'polypeptide(L)' KNVKCFNCGKEGHTARNCRAPRKKGCWKCGKEGHQMKDCTERQAN A
2 'polydeoxyribonucleotide' (DC)(DT)(DG)(DG) B
#
# COMPACT_ATOMS: atom_id res chain seq x y z
N LYS A 1 12.68 1.77 9.05
CA LYS A 1 12.04 2.39 10.25
C LYS A 1 11.26 1.33 11.03
N ASN A 2 11.64 0.06 10.88
CA ASN A 2 10.95 -1.03 11.58
C ASN A 2 9.47 -1.07 11.21
N VAL A 3 9.17 -0.87 9.92
CA VAL A 3 7.79 -0.90 9.45
C VAL A 3 7.63 -1.91 8.33
N LYS A 4 6.64 -2.80 8.43
CA LYS A 4 6.44 -3.78 7.37
C LYS A 4 5.81 -3.06 6.18
N CYS A 5 6.17 -3.47 4.96
CA CYS A 5 5.63 -2.79 3.79
C CYS A 5 4.21 -3.27 3.51
N PHE A 6 3.41 -2.37 2.93
CA PHE A 6 2.00 -2.67 2.63
C PHE A 6 1.84 -3.85 1.68
N ASN A 7 2.62 -3.86 0.61
CA ASN A 7 2.48 -4.91 -0.40
C ASN A 7 3.68 -5.84 -0.51
N CYS A 8 4.78 -5.53 0.16
CA CYS A 8 5.96 -6.38 0.07
C CYS A 8 6.19 -7.16 1.37
N GLY A 9 5.80 -6.58 2.51
CA GLY A 9 5.95 -7.25 3.80
C GLY A 9 7.30 -6.98 4.47
N LYS A 10 8.37 -6.85 3.70
CA LYS A 10 9.69 -6.62 4.29
C LYS A 10 9.71 -5.26 5.00
N GLU A 11 10.46 -5.16 6.09
CA GLU A 11 10.54 -3.91 6.84
C GLU A 11 11.73 -3.06 6.41
N GLY A 12 11.94 -1.95 7.12
CA GLY A 12 13.04 -1.03 6.81
C GLY A 12 12.70 -0.06 5.68
N HIS A 13 11.41 0.02 5.32
CA HIS A 13 10.98 0.90 4.23
C HIS A 13 9.46 0.83 4.07
N THR A 14 8.94 1.32 2.94
CA THR A 14 7.49 1.25 2.70
C THR A 14 7.17 0.94 1.21
N ALA A 15 6.14 0.11 1.01
CA ALA A 15 5.66 -0.33 -0.31
C ALA A 15 6.46 0.21 -1.51
N ARG A 16 6.41 1.50 -1.76
CA ARG A 16 7.08 2.09 -2.93
C ARG A 16 8.58 1.80 -2.96
N ASN A 17 9.24 1.92 -1.82
CA ASN A 17 10.68 1.69 -1.74
C ASN A 17 11.06 0.23 -2.00
N CYS A 18 10.25 -0.69 -1.48
CA CYS A 18 10.55 -2.12 -1.63
C CYS A 18 10.87 -2.46 -3.08
N ARG A 19 11.92 -3.25 -3.26
CA ARG A 19 12.32 -3.67 -4.59
C ARG A 19 11.24 -4.54 -5.22
N ALA A 20 10.68 -5.43 -4.40
CA ALA A 20 9.63 -6.33 -4.86
C ALA A 20 8.62 -5.57 -5.71
N PRO A 21 7.78 -6.26 -6.40
CA PRO A 21 6.74 -5.66 -7.28
C PRO A 21 5.67 -4.90 -6.49
N ARG A 22 5.18 -3.81 -7.08
CA ARG A 22 4.16 -2.98 -6.43
C ARG A 22 2.76 -3.50 -6.73
N LYS A 23 1.80 -3.13 -5.89
CA LYS A 23 0.42 -3.54 -6.07
C LYS A 23 -0.23 -2.67 -7.15
N LYS A 24 -0.94 -3.28 -8.09
CA LYS A 24 -1.57 -2.51 -9.17
C LYS A 24 -2.64 -1.57 -8.63
N GLY A 25 -3.43 -2.05 -7.67
CA GLY A 25 -4.49 -1.22 -7.10
C GLY A 25 -4.09 -0.60 -5.76
N CYS A 26 -5.02 0.15 -5.17
CA CYS A 26 -4.77 0.82 -3.90
C CYS A 26 -4.45 -0.22 -2.81
N TRP A 27 -3.39 0.03 -2.05
CA TRP A 27 -2.99 -0.89 -0.99
C TRP A 27 -4.04 -0.98 0.12
N LYS A 28 -4.33 0.14 0.75
CA LYS A 28 -5.31 0.17 1.84
C LYS A 28 -6.72 -0.16 1.34
N CYS A 29 -7.06 0.36 0.18
CA CYS A 29 -8.42 0.16 -0.39
C CYS A 29 -8.52 -1.00 -1.40
N GLY A 30 -7.49 -1.24 -2.20
CA GLY A 30 -7.53 -2.33 -3.20
C GLY A 30 -7.82 -1.84 -4.63
N LYS A 31 -8.89 -1.08 -4.80
CA LYS A 31 -9.29 -0.55 -6.12
C LYS A 31 -8.08 -0.05 -6.94
N GLU A 32 -8.32 0.38 -8.18
CA GLU A 32 -7.23 0.86 -9.06
C GLU A 32 -7.52 2.24 -9.64
N GLY A 33 -6.46 2.87 -10.19
CA GLY A 33 -6.59 4.18 -10.82
C GLY A 33 -6.40 5.36 -9.86
N HIS A 34 -5.66 5.15 -8.78
CA HIS A 34 -5.44 6.24 -7.81
C HIS A 34 -4.43 5.82 -6.72
N GLN A 35 -4.18 6.72 -5.77
CA GLN A 35 -3.28 6.42 -4.65
C GLN A 35 -4.05 5.53 -3.65
N MET A 36 -3.65 5.53 -2.38
CA MET A 36 -4.33 4.72 -1.38
C MET A 36 -5.48 5.51 -0.73
N LYS A 37 -5.16 6.73 -0.31
CA LYS A 37 -6.12 7.60 0.38
C LYS A 37 -7.28 8.08 -0.50
N ASP A 38 -6.96 8.46 -1.73
CA ASP A 38 -7.96 8.99 -2.66
C ASP A 38 -9.21 8.11 -2.78
N CYS A 39 -9.06 6.81 -2.61
CA CYS A 39 -10.18 5.88 -2.74
C CYS A 39 -10.82 5.59 -1.39
N THR A 40 -12.04 5.04 -1.42
CA THR A 40 -12.77 4.74 -0.18
C THR A 40 -12.02 3.74 0.68
N GLU A 41 -10.85 4.14 1.15
CA GLU A 41 -10.05 3.28 1.99
C GLU A 41 -10.55 3.33 3.43
N ARG A 42 -11.05 4.51 3.83
CA ARG A 42 -11.55 4.67 5.18
C ARG A 42 -12.70 5.69 5.21
N GLN A 43 -13.91 5.20 5.04
CA GLN A 43 -15.11 6.04 5.05
C GLN A 43 -14.76 7.53 4.97
N ALA A 44 -14.67 8.05 3.75
CA ALA A 44 -14.34 9.46 3.55
C ALA A 44 -15.41 10.35 4.16
N ASN A 45 -16.68 9.95 4.03
CA ASN A 45 -17.78 10.71 4.59
C ASN A 45 -17.73 12.16 4.10
N LYS A 1 11.57 2.50 13.21
CA LYS A 1 12.75 1.88 12.53
C LYS A 1 12.26 0.76 11.62
N ASN A 2 11.59 -0.22 12.21
CA ASN A 2 11.08 -1.36 11.45
C ASN A 2 9.60 -1.15 11.11
N VAL A 3 9.31 -0.89 9.83
CA VAL A 3 7.94 -0.70 9.38
C VAL A 3 7.67 -1.65 8.22
N LYS A 4 6.54 -2.37 8.26
CA LYS A 4 6.22 -3.30 7.20
C LYS A 4 5.77 -2.56 5.95
N CYS A 5 6.04 -3.13 4.78
CA CYS A 5 5.64 -2.50 3.53
C CYS A 5 4.28 -3.04 3.07
N PHE A 6 3.38 -2.14 2.69
CA PHE A 6 2.04 -2.55 2.25
C PHE A 6 2.12 -3.46 1.03
N ASN A 7 2.85 -2.98 0.03
CA ASN A 7 3.01 -3.69 -1.23
C ASN A 7 3.82 -4.96 -1.11
N CYS A 8 4.80 -4.94 -0.23
CA CYS A 8 5.73 -6.05 -0.12
C CYS A 8 5.65 -6.80 1.23
N GLY A 9 5.33 -6.10 2.31
CA GLY A 9 5.22 -6.73 3.63
C GLY A 9 6.53 -6.67 4.42
N LYS A 10 7.67 -6.77 3.72
CA LYS A 10 8.96 -6.74 4.37
C LYS A 10 9.19 -5.41 5.10
N GLU A 11 9.90 -5.48 6.21
CA GLU A 11 10.17 -4.28 7.02
C GLU A 11 11.48 -3.61 6.60
N GLY A 12 11.86 -2.58 7.39
CA GLY A 12 13.10 -1.85 7.14
C GLY A 12 12.94 -0.81 6.03
N HIS A 13 11.70 -0.50 5.66
CA HIS A 13 11.46 0.48 4.60
C HIS A 13 9.96 0.67 4.37
N THR A 14 9.60 1.33 3.27
CA THR A 14 8.19 1.54 2.93
C THR A 14 7.91 1.21 1.45
N ALA A 15 6.76 0.57 1.21
CA ALA A 15 6.30 0.17 -0.15
C ALA A 15 7.22 0.61 -1.30
N ARG A 16 7.36 1.93 -1.49
CA ARG A 16 8.16 2.43 -2.62
C ARG A 16 9.61 1.94 -2.58
N ASN A 17 10.20 1.92 -1.40
CA ASN A 17 11.59 1.48 -1.25
C ASN A 17 11.78 0.01 -1.61
N CYS A 18 10.81 -0.81 -1.26
CA CYS A 18 10.93 -2.24 -1.51
C CYS A 18 11.15 -2.50 -3.00
N ARG A 19 12.08 -3.37 -3.30
CA ARG A 19 12.38 -3.71 -4.69
C ARG A 19 11.18 -4.34 -5.37
N ALA A 20 10.52 -5.25 -4.66
CA ALA A 20 9.36 -5.95 -5.19
C ALA A 20 8.47 -5.03 -6.02
N PRO A 21 7.60 -5.61 -6.80
CA PRO A 21 6.64 -4.86 -7.68
C PRO A 21 5.49 -4.23 -6.89
N ARG A 22 4.98 -3.08 -7.36
CA ARG A 22 3.89 -2.39 -6.69
C ARG A 22 2.54 -3.05 -6.96
N LYS A 23 1.62 -2.91 -6.01
CA LYS A 23 0.28 -3.47 -6.16
C LYS A 23 -0.51 -2.61 -7.15
N LYS A 24 -1.18 -3.26 -8.09
CA LYS A 24 -1.97 -2.53 -9.09
C LYS A 24 -3.10 -1.75 -8.42
N GLY A 25 -3.78 -2.38 -7.47
CA GLY A 25 -4.87 -1.73 -6.76
C GLY A 25 -4.41 -1.03 -5.50
N CYS A 26 -5.26 -0.17 -4.97
CA CYS A 26 -4.94 0.57 -3.77
C CYS A 26 -4.66 -0.41 -2.62
N TRP A 27 -3.51 -0.24 -1.98
CA TRP A 27 -3.11 -1.09 -0.88
C TRP A 27 -4.19 -1.12 0.21
N LYS A 28 -4.47 0.05 0.80
CA LYS A 28 -5.48 0.13 1.86
C LYS A 28 -6.89 -0.10 1.37
N CYS A 29 -7.22 0.45 0.22
CA CYS A 29 -8.58 0.35 -0.29
C CYS A 29 -8.82 -0.82 -1.26
N GLY A 30 -7.79 -1.26 -1.97
CA GLY A 30 -7.93 -2.39 -2.89
C GLY A 30 -8.23 -1.95 -4.33
N LYS A 31 -9.24 -1.09 -4.51
CA LYS A 31 -9.62 -0.59 -5.85
C LYS A 31 -8.37 -0.29 -6.70
N GLU A 32 -8.57 0.05 -7.99
CA GLU A 32 -7.44 0.33 -8.89
C GLU A 32 -7.54 1.69 -9.57
N GLY A 33 -6.43 2.09 -10.20
CA GLY A 33 -6.36 3.35 -10.94
C GLY A 33 -6.17 4.58 -10.05
N HIS A 34 -5.50 4.42 -8.90
CA HIS A 34 -5.28 5.56 -8.01
C HIS A 34 -4.38 5.20 -6.82
N GLN A 35 -4.20 6.15 -5.90
CA GLN A 35 -3.38 5.94 -4.70
C GLN A 35 -4.19 5.20 -3.62
N MET A 36 -3.78 5.30 -2.35
CA MET A 36 -4.49 4.63 -1.27
C MET A 36 -5.57 5.56 -0.67
N LYS A 37 -5.16 6.80 -0.39
CA LYS A 37 -6.06 7.79 0.24
C LYS A 37 -7.21 8.23 -0.68
N ASP A 38 -6.90 8.47 -1.95
CA ASP A 38 -7.90 8.96 -2.91
C ASP A 38 -9.17 8.12 -2.91
N CYS A 39 -9.01 6.81 -2.81
CA CYS A 39 -10.16 5.91 -2.85
C CYS A 39 -10.80 5.72 -1.49
N THR A 40 -12.11 5.55 -1.51
CA THR A 40 -12.90 5.38 -0.30
C THR A 40 -13.75 4.12 -0.42
N GLU A 41 -13.08 3.00 -0.54
CA GLU A 41 -13.76 1.72 -0.68
C GLU A 41 -14.93 1.59 0.28
N ARG A 42 -14.81 2.21 1.46
CA ARG A 42 -15.87 2.16 2.45
C ARG A 42 -16.00 3.49 3.18
N GLN A 43 -16.84 4.36 2.65
CA GLN A 43 -17.07 5.67 3.25
C GLN A 43 -17.67 5.52 4.63
N ALA A 44 -18.60 4.58 4.77
CA ALA A 44 -19.26 4.35 6.04
C ALA A 44 -19.44 2.86 6.30
N ASN A 45 -19.37 2.45 7.57
CA ASN A 45 -19.54 1.04 7.94
C ASN A 45 -18.91 0.13 6.89
N LYS A 1 11.12 2.59 9.09
CA LYS A 1 11.49 2.35 10.52
C LYS A 1 10.49 1.40 11.17
N ASN A 2 10.77 0.10 11.12
CA ASN A 2 9.91 -0.90 11.72
C ASN A 2 8.50 -0.81 11.16
N VAL A 3 8.40 -0.44 9.88
CA VAL A 3 7.11 -0.34 9.22
C VAL A 3 7.00 -1.40 8.15
N LYS A 4 5.98 -2.23 8.22
CA LYS A 4 5.80 -3.28 7.23
C LYS A 4 5.39 -2.66 5.90
N CYS A 5 5.99 -3.10 4.80
CA CYS A 5 5.66 -2.52 3.52
C CYS A 5 4.24 -2.90 3.10
N PHE A 6 3.57 -1.97 2.41
CA PHE A 6 2.20 -2.18 1.96
C PHE A 6 2.07 -3.33 0.97
N ASN A 7 2.96 -3.35 -0.01
CA ASN A 7 2.90 -4.36 -1.06
C ASN A 7 3.96 -5.45 -0.92
N CYS A 8 4.80 -5.35 0.10
CA CYS A 8 5.86 -6.33 0.25
C CYS A 8 5.93 -6.98 1.65
N GLY A 9 5.48 -6.27 2.69
CA GLY A 9 5.49 -6.84 4.04
C GLY A 9 6.80 -6.57 4.80
N LYS A 10 7.94 -6.81 4.16
CA LYS A 10 9.22 -6.57 4.81
C LYS A 10 9.25 -5.19 5.46
N GLU A 11 9.79 -5.10 6.66
CA GLU A 11 9.84 -3.81 7.35
C GLU A 11 11.14 -3.06 7.06
N GLY A 12 11.29 -1.92 7.72
CA GLY A 12 12.46 -1.08 7.56
C GLY A 12 12.37 -0.20 6.32
N HIS A 13 11.17 -0.08 5.76
CA HIS A 13 10.98 0.75 4.56
C HIS A 13 9.50 0.82 4.19
N THR A 14 9.22 1.27 2.95
CA THR A 14 7.82 1.38 2.49
C THR A 14 7.67 0.93 1.02
N ALA A 15 6.46 0.45 0.71
CA ALA A 15 6.08 -0.04 -0.62
C ALA A 15 7.11 0.21 -1.74
N ARG A 16 7.29 1.46 -2.16
CA ARG A 16 8.19 1.77 -3.29
C ARG A 16 9.63 1.34 -3.06
N ASN A 17 10.14 1.55 -1.86
CA ASN A 17 11.52 1.18 -1.55
C ASN A 17 11.73 -0.32 -1.68
N CYS A 18 10.73 -1.10 -1.31
CA CYS A 18 10.88 -2.54 -1.40
C CYS A 18 11.18 -2.92 -2.85
N ARG A 19 12.02 -3.92 -3.03
CA ARG A 19 12.40 -4.36 -4.36
C ARG A 19 11.18 -4.89 -5.11
N ALA A 20 10.33 -5.61 -4.40
CA ALA A 20 9.13 -6.19 -5.01
C ALA A 20 8.38 -5.19 -5.87
N PRO A 21 7.52 -5.67 -6.72
CA PRO A 21 6.70 -4.85 -7.66
C PRO A 21 5.56 -4.10 -6.99
N ARG A 22 5.15 -2.98 -7.61
CA ARG A 22 4.06 -2.18 -7.08
C ARG A 22 2.73 -2.89 -7.31
N LYS A 23 1.74 -2.55 -6.49
CA LYS A 23 0.42 -3.15 -6.59
C LYS A 23 -0.43 -2.43 -7.63
N LYS A 24 -1.16 -3.17 -8.44
CA LYS A 24 -2.00 -2.55 -9.46
C LYS A 24 -3.06 -1.67 -8.82
N GLY A 25 -3.77 -2.21 -7.83
CA GLY A 25 -4.82 -1.45 -7.16
C GLY A 25 -4.33 -0.85 -5.85
N CYS A 26 -5.13 0.05 -5.28
CA CYS A 26 -4.77 0.71 -4.03
C CYS A 26 -4.33 -0.30 -2.98
N TRP A 27 -3.26 0.04 -2.27
CA TRP A 27 -2.71 -0.84 -1.23
C TRP A 27 -3.69 -0.97 -0.06
N LYS A 28 -3.95 0.15 0.62
CA LYS A 28 -4.85 0.13 1.76
C LYS A 28 -6.28 -0.23 1.38
N CYS A 29 -6.73 0.29 0.25
CA CYS A 29 -8.12 0.08 -0.18
C CYS A 29 -8.31 -1.07 -1.20
N GLY A 30 -7.33 -1.35 -2.04
CA GLY A 30 -7.47 -2.44 -3.03
C GLY A 30 -7.90 -1.94 -4.42
N LYS A 31 -8.99 -1.17 -4.48
CA LYS A 31 -9.50 -0.63 -5.76
C LYS A 31 -8.37 -0.16 -6.68
N GLU A 32 -8.71 0.24 -7.91
CA GLU A 32 -7.69 0.68 -8.88
C GLU A 32 -7.93 2.10 -9.41
N GLY A 33 -6.90 2.66 -10.04
CA GLY A 33 -6.99 3.99 -10.63
C GLY A 33 -6.70 5.13 -9.65
N HIS A 34 -5.86 4.90 -8.64
CA HIS A 34 -5.55 5.98 -7.68
C HIS A 34 -4.54 5.51 -6.61
N GLN A 35 -4.19 6.43 -5.68
CA GLN A 35 -3.27 6.11 -4.59
C GLN A 35 -4.04 5.35 -3.50
N MET A 36 -3.50 5.30 -2.27
CA MET A 36 -4.17 4.59 -1.19
C MET A 36 -5.35 5.41 -0.60
N LYS A 37 -5.08 6.69 -0.30
CA LYS A 37 -6.05 7.58 0.34
C LYS A 37 -7.27 7.96 -0.51
N ASP A 38 -7.03 8.26 -1.78
CA ASP A 38 -8.09 8.71 -2.68
C ASP A 38 -9.31 7.78 -2.75
N CYS A 39 -9.17 6.56 -2.27
CA CYS A 39 -10.27 5.59 -2.33
C CYS A 39 -10.83 5.27 -0.95
N THR A 40 -12.01 4.67 -0.91
CA THR A 40 -12.66 4.33 0.36
C THR A 40 -11.83 3.32 1.14
N GLU A 41 -10.67 3.77 1.61
CA GLU A 41 -9.77 2.91 2.36
C GLU A 41 -10.13 2.90 3.86
N ARG A 42 -11.26 3.53 4.21
CA ARG A 42 -11.69 3.56 5.61
C ARG A 42 -13.11 3.01 5.72
N GLN A 43 -13.21 1.69 5.75
CA GLN A 43 -14.51 1.03 5.84
C GLN A 43 -15.21 1.36 7.16
N ALA A 44 -14.45 1.40 8.25
CA ALA A 44 -15.02 1.70 9.56
C ALA A 44 -14.15 2.67 10.36
N ASN A 45 -14.81 3.56 11.11
CA ASN A 45 -14.10 4.54 11.92
C ASN A 45 -12.80 4.98 11.23
N LYS A 1 10.99 3.08 9.43
CA LYS A 1 11.19 3.01 10.91
C LYS A 1 10.31 1.92 11.51
N ASN A 2 10.82 0.69 11.53
CA ASN A 2 10.07 -0.42 12.10
C ASN A 2 8.68 -0.53 11.49
N VAL A 3 8.57 -0.31 10.18
CA VAL A 3 7.28 -0.40 9.51
C VAL A 3 7.30 -1.45 8.41
N LYS A 4 6.30 -2.33 8.40
CA LYS A 4 6.24 -3.37 7.37
C LYS A 4 5.69 -2.74 6.09
N CYS A 5 6.15 -3.21 4.94
CA CYS A 5 5.67 -2.65 3.68
C CYS A 5 4.31 -3.23 3.31
N PHE A 6 3.46 -2.40 2.70
CA PHE A 6 2.10 -2.80 2.32
C PHE A 6 2.09 -3.98 1.35
N ASN A 7 2.93 -3.89 0.33
CA ASN A 7 2.95 -4.92 -0.71
C ASN A 7 4.16 -5.83 -0.68
N CYS A 8 5.13 -5.52 0.16
CA CYS A 8 6.34 -6.34 0.20
C CYS A 8 6.53 -7.05 1.56
N GLY A 9 5.92 -6.52 2.62
CA GLY A 9 6.02 -7.15 3.94
C GLY A 9 7.30 -6.79 4.70
N LYS A 10 8.43 -6.70 4.01
CA LYS A 10 9.68 -6.37 4.68
C LYS A 10 9.60 -5.01 5.35
N GLU A 11 10.32 -4.86 6.46
CA GLU A 11 10.30 -3.60 7.20
C GLU A 11 11.55 -2.76 6.93
N GLY A 12 11.60 -1.58 7.55
CA GLY A 12 12.74 -0.67 7.37
C GLY A 12 12.56 0.23 6.16
N HIS A 13 11.36 0.23 5.58
CA HIS A 13 11.07 1.06 4.41
C HIS A 13 9.56 1.06 4.17
N THR A 14 9.13 1.49 2.98
CA THR A 14 7.70 1.49 2.66
C THR A 14 7.43 1.00 1.23
N ALA A 15 6.30 0.30 1.09
CA ALA A 15 5.83 -0.29 -0.18
C ALA A 15 6.65 0.05 -1.44
N ARG A 16 6.67 1.31 -1.86
CA ARG A 16 7.36 1.68 -3.11
C ARG A 16 8.86 1.45 -3.06
N ASN A 17 9.47 1.72 -1.91
CA ASN A 17 10.92 1.55 -1.78
C ASN A 17 11.32 0.10 -1.95
N CYS A 18 10.48 -0.81 -1.46
CA CYS A 18 10.78 -2.23 -1.57
C CYS A 18 11.03 -2.59 -3.04
N ARG A 19 11.98 -3.49 -3.27
CA ARG A 19 12.33 -3.88 -4.63
C ARG A 19 11.16 -4.61 -5.30
N ALA A 20 10.49 -5.45 -4.53
CA ALA A 20 9.35 -6.23 -5.04
C ALA A 20 8.46 -5.38 -5.95
N PRO A 21 7.60 -6.04 -6.69
CA PRO A 21 6.66 -5.36 -7.63
C PRO A 21 5.53 -4.64 -6.89
N ARG A 22 5.05 -3.51 -7.43
CA ARG A 22 3.99 -2.75 -6.80
C ARG A 22 2.61 -3.33 -7.13
N LYS A 23 1.65 -3.08 -6.24
CA LYS A 23 0.29 -3.55 -6.40
C LYS A 23 -0.47 -2.66 -7.38
N LYS A 24 -1.19 -3.27 -8.31
CA LYS A 24 -1.96 -2.51 -9.30
C LYS A 24 -3.09 -1.73 -8.62
N GLY A 25 -3.79 -2.38 -7.68
CA GLY A 25 -4.90 -1.74 -6.97
C GLY A 25 -4.40 -0.94 -5.76
N CYS A 26 -5.32 -0.25 -5.09
CA CYS A 26 -4.95 0.54 -3.91
C CYS A 26 -4.66 -0.40 -2.74
N TRP A 27 -3.43 -0.37 -2.23
CA TRP A 27 -3.05 -1.25 -1.13
C TRP A 27 -4.14 -1.28 -0.05
N LYS A 28 -4.43 -0.13 0.53
CA LYS A 28 -5.43 -0.03 1.60
C LYS A 28 -6.86 -0.28 1.13
N CYS A 29 -7.21 0.26 -0.03
CA CYS A 29 -8.59 0.18 -0.53
C CYS A 29 -8.85 -0.88 -1.62
N GLY A 30 -7.82 -1.31 -2.35
CA GLY A 30 -8.02 -2.33 -3.40
C GLY A 30 -8.30 -1.71 -4.78
N LYS A 31 -9.29 -0.83 -4.86
CA LYS A 31 -9.65 -0.19 -6.13
C LYS A 31 -8.41 0.29 -6.90
N GLU A 32 -8.58 0.54 -8.21
CA GLU A 32 -7.46 0.96 -9.07
C GLU A 32 -7.61 2.41 -9.57
N GLY A 33 -6.54 2.92 -10.19
CA GLY A 33 -6.54 4.27 -10.77
C GLY A 33 -6.22 5.38 -9.76
N HIS A 34 -5.51 5.06 -8.69
CA HIS A 34 -5.18 6.09 -7.70
C HIS A 34 -4.23 5.56 -6.61
N GLN A 35 -4.04 6.36 -5.56
CA GLN A 35 -3.17 5.98 -4.44
C GLN A 35 -4.03 5.21 -3.41
N MET A 36 -3.60 5.19 -2.15
CA MET A 36 -4.35 4.48 -1.13
C MET A 36 -5.44 5.38 -0.51
N LYS A 37 -5.02 6.57 -0.08
CA LYS A 37 -5.93 7.53 0.57
C LYS A 37 -6.99 8.13 -0.36
N ASP A 38 -6.57 8.49 -1.56
CA ASP A 38 -7.47 9.11 -2.53
C ASP A 38 -8.78 8.32 -2.70
N CYS A 39 -8.73 7.02 -2.46
CA CYS A 39 -9.90 6.18 -2.64
C CYS A 39 -10.62 5.88 -1.33
N THR A 40 -11.93 5.62 -1.45
CA THR A 40 -12.77 5.33 -0.30
C THR A 40 -12.22 4.14 0.50
N GLU A 41 -11.09 4.32 1.14
CA GLU A 41 -10.49 3.24 1.92
C GLU A 41 -11.14 3.12 3.28
N ARG A 42 -10.94 1.95 3.90
CA ARG A 42 -11.50 1.61 5.23
C ARG A 42 -12.40 0.40 5.12
N GLN A 43 -11.85 -0.72 4.64
CA GLN A 43 -12.61 -1.95 4.50
C GLN A 43 -11.90 -3.11 5.21
N ALA A 44 -12.67 -4.03 5.76
CA ALA A 44 -12.11 -5.19 6.45
C ALA A 44 -12.29 -6.43 5.59
N ASN A 45 -11.57 -6.48 4.47
CA ASN A 45 -11.67 -7.62 3.56
C ASN A 45 -13.13 -7.87 3.19
N LYS A 1 7.10 2.61 15.61
CA LYS A 1 8.18 3.16 14.73
C LYS A 1 8.40 2.22 13.55
N ASN A 2 8.22 0.92 13.77
CA ASN A 2 8.41 -0.05 12.71
C ASN A 2 7.26 0.03 11.72
N VAL A 3 7.57 -0.06 10.42
CA VAL A 3 6.54 0.02 9.39
C VAL A 3 6.65 -1.16 8.42
N LYS A 4 5.51 -1.76 8.08
CA LYS A 4 5.49 -2.87 7.14
C LYS A 4 5.32 -2.29 5.74
N CYS A 5 5.84 -2.95 4.72
CA CYS A 5 5.69 -2.41 3.36
C CYS A 5 4.37 -2.88 2.74
N PHE A 6 3.61 -1.94 2.19
CA PHE A 6 2.31 -2.24 1.59
C PHE A 6 2.40 -3.17 0.39
N ASN A 7 3.37 -2.91 -0.47
CA ASN A 7 3.52 -3.72 -1.70
C ASN A 7 4.51 -4.85 -1.50
N CYS A 8 4.91 -5.11 -0.26
CA CYS A 8 5.90 -6.16 -0.05
C CYS A 8 5.77 -6.85 1.34
N GLY A 9 5.35 -6.11 2.37
CA GLY A 9 5.17 -6.70 3.71
C GLY A 9 6.40 -6.51 4.61
N LYS A 10 7.60 -6.72 4.06
CA LYS A 10 8.82 -6.57 4.86
C LYS A 10 8.88 -5.18 5.50
N GLU A 11 9.44 -5.11 6.70
CA GLU A 11 9.52 -3.84 7.42
C GLU A 11 10.88 -3.18 7.26
N GLY A 12 11.05 -2.04 7.95
CA GLY A 12 12.31 -1.29 7.89
C GLY A 12 12.36 -0.35 6.69
N HIS A 13 11.27 -0.27 5.93
CA HIS A 13 11.24 0.60 4.75
C HIS A 13 9.78 0.80 4.29
N THR A 14 9.60 1.31 3.07
CA THR A 14 8.25 1.52 2.54
C THR A 14 8.15 1.11 1.07
N ALA A 15 6.92 0.85 0.64
CA ALA A 15 6.63 0.42 -0.73
C ALA A 15 7.66 0.94 -1.76
N ARG A 16 8.20 2.14 -1.57
CA ARG A 16 9.17 2.68 -2.53
C ARG A 16 10.51 1.93 -2.49
N ASN A 17 10.98 1.66 -1.28
CA ASN A 17 12.26 1.00 -1.08
C ASN A 17 12.24 -0.50 -1.44
N CYS A 18 11.12 -1.18 -1.24
CA CYS A 18 11.07 -2.60 -1.54
C CYS A 18 11.17 -2.84 -3.05
N ARG A 19 12.14 -3.66 -3.47
CA ARG A 19 12.32 -3.95 -4.89
C ARG A 19 11.12 -4.72 -5.44
N ALA A 20 10.58 -5.62 -4.61
CA ALA A 20 9.43 -6.44 -5.02
C ALA A 20 8.47 -5.63 -5.91
N PRO A 21 7.58 -6.32 -6.57
CA PRO A 21 6.59 -5.68 -7.50
C PRO A 21 5.53 -4.85 -6.78
N ARG A 22 5.05 -3.81 -7.44
CA ARG A 22 4.03 -2.94 -6.87
C ARG A 22 2.63 -3.53 -7.08
N LYS A 23 1.70 -3.19 -6.19
CA LYS A 23 0.35 -3.69 -6.29
C LYS A 23 -0.42 -2.89 -7.34
N LYS A 24 -1.23 -3.56 -8.13
CA LYS A 24 -1.99 -2.88 -9.19
C LYS A 24 -3.00 -1.89 -8.63
N GLY A 25 -3.71 -2.27 -7.57
CA GLY A 25 -4.72 -1.39 -7.00
C GLY A 25 -4.28 -0.76 -5.68
N CYS A 26 -5.13 0.14 -5.18
CA CYS A 26 -4.84 0.83 -3.94
C CYS A 26 -4.48 -0.17 -2.84
N TRP A 27 -3.27 -0.05 -2.32
CA TRP A 27 -2.81 -0.97 -1.29
C TRP A 27 -3.85 -1.12 -0.17
N LYS A 28 -4.19 -0.01 0.48
CA LYS A 28 -5.16 -0.04 1.58
C LYS A 28 -6.58 -0.43 1.14
N CYS A 29 -7.01 0.12 0.02
CA CYS A 29 -8.38 -0.09 -0.46
C CYS A 29 -8.48 -1.20 -1.54
N GLY A 30 -7.50 -1.31 -2.41
CA GLY A 30 -7.48 -2.36 -3.44
C GLY A 30 -8.39 -2.09 -4.67
N LYS A 31 -9.25 -1.07 -4.61
CA LYS A 31 -10.17 -0.79 -5.73
C LYS A 31 -9.46 -0.48 -7.07
N GLU A 32 -8.39 0.29 -7.07
CA GLU A 32 -7.64 0.63 -8.30
C GLU A 32 -8.06 1.99 -8.88
N GLY A 33 -7.24 2.50 -9.79
CA GLY A 33 -7.53 3.77 -10.48
C GLY A 33 -7.22 5.02 -9.66
N HIS A 34 -6.34 4.91 -8.67
CA HIS A 34 -6.01 6.07 -7.85
C HIS A 34 -4.93 5.72 -6.80
N GLN A 35 -4.63 6.68 -5.92
CA GLN A 35 -3.65 6.45 -4.85
C GLN A 35 -4.28 5.49 -3.83
N MET A 36 -3.87 5.56 -2.57
CA MET A 36 -4.42 4.68 -1.55
C MET A 36 -5.53 5.40 -0.76
N LYS A 37 -5.19 6.58 -0.24
CA LYS A 37 -6.12 7.37 0.56
C LYS A 37 -7.27 7.94 -0.28
N ASP A 38 -6.93 8.41 -1.46
CA ASP A 38 -7.91 9.02 -2.35
C ASP A 38 -9.19 8.20 -2.48
N CYS A 39 -9.08 6.88 -2.36
CA CYS A 39 -10.23 5.99 -2.51
C CYS A 39 -10.89 5.68 -1.17
N THR A 40 -12.21 5.49 -1.23
CA THR A 40 -12.98 5.21 -0.03
C THR A 40 -12.44 3.99 0.72
N GLU A 41 -11.26 4.15 1.32
CA GLU A 41 -10.66 3.08 2.07
C GLU A 41 -11.18 3.13 3.50
N ARG A 42 -11.60 1.98 4.03
CA ARG A 42 -12.13 1.92 5.37
C ARG A 42 -11.81 0.56 6.00
N GLN A 43 -10.68 0.48 6.69
CA GLN A 43 -10.26 -0.77 7.32
C GLN A 43 -10.97 -0.95 8.67
N ALA A 44 -11.24 -2.21 9.02
CA ALA A 44 -11.88 -2.51 10.29
C ALA A 44 -10.97 -2.08 11.44
N ASN A 45 -9.66 -2.24 11.24
CA ASN A 45 -8.69 -1.86 12.24
C ASN A 45 -9.08 -2.43 13.61
N LYS A 1 11.73 1.10 12.40
CA LYS A 1 12.01 -0.08 11.51
C LYS A 1 10.96 -1.16 11.75
N ASN A 2 9.79 -0.77 12.22
CA ASN A 2 8.72 -1.74 12.49
C ASN A 2 7.54 -1.50 11.58
N VAL A 3 7.81 -1.09 10.34
CA VAL A 3 6.74 -0.84 9.38
C VAL A 3 6.79 -1.81 8.21
N LYS A 4 5.70 -2.55 8.01
CA LYS A 4 5.63 -3.50 6.90
C LYS A 4 5.44 -2.73 5.61
N CYS A 5 5.94 -3.26 4.49
CA CYS A 5 5.77 -2.55 3.23
C CYS A 5 4.40 -2.87 2.63
N PHE A 6 3.70 -1.83 2.15
CA PHE A 6 2.37 -1.99 1.56
C PHE A 6 2.45 -2.89 0.31
N ASN A 7 3.44 -2.62 -0.52
CA ASN A 7 3.65 -3.37 -1.77
C ASN A 7 4.10 -4.80 -1.51
N CYS A 8 4.87 -4.96 -0.46
CA CYS A 8 5.51 -6.23 -0.20
C CYS A 8 5.12 -6.87 1.15
N GLY A 9 5.07 -6.07 2.21
CA GLY A 9 4.72 -6.60 3.54
C GLY A 9 5.96 -6.65 4.43
N LYS A 10 7.13 -6.75 3.82
CA LYS A 10 8.39 -6.79 4.55
C LYS A 10 8.59 -5.48 5.31
N GLU A 11 9.33 -5.52 6.42
CA GLU A 11 9.54 -4.31 7.22
C GLU A 11 10.91 -3.66 6.97
N GLY A 12 11.16 -2.58 7.73
CA GLY A 12 12.41 -1.83 7.63
C GLY A 12 12.34 -0.76 6.54
N HIS A 13 11.19 -0.63 5.86
CA HIS A 13 11.04 0.37 4.79
C HIS A 13 9.57 0.48 4.37
N THR A 14 9.32 1.15 3.24
CA THR A 14 7.94 1.29 2.74
C THR A 14 7.83 1.07 1.22
N ALA A 15 6.70 0.49 0.81
CA ALA A 15 6.40 0.17 -0.59
C ALA A 15 7.45 0.64 -1.61
N ARG A 16 7.54 1.96 -1.80
CA ARG A 16 8.46 2.50 -2.80
C ARG A 16 9.89 2.00 -2.61
N ASN A 17 10.35 1.95 -1.38
CA ASN A 17 11.71 1.51 -1.10
C ASN A 17 11.95 0.03 -1.45
N CYS A 18 10.95 -0.82 -1.20
CA CYS A 18 11.14 -2.24 -1.49
C CYS A 18 11.36 -2.47 -2.99
N ARG A 19 12.32 -3.34 -3.32
CA ARG A 19 12.61 -3.66 -4.71
C ARG A 19 11.39 -4.35 -5.34
N ALA A 20 10.75 -5.22 -4.56
CA ALA A 20 9.56 -5.96 -5.02
C ALA A 20 8.67 -5.10 -5.91
N PRO A 21 7.76 -5.73 -6.60
CA PRO A 21 6.81 -5.06 -7.53
C PRO A 21 5.68 -4.34 -6.79
N ARG A 22 5.15 -3.30 -7.43
CA ARG A 22 4.05 -2.53 -6.85
C ARG A 22 2.74 -3.31 -7.00
N LYS A 23 1.71 -2.86 -6.28
CA LYS A 23 0.41 -3.51 -6.33
C LYS A 23 -0.47 -2.86 -7.40
N LYS A 24 -1.32 -3.65 -8.05
CA LYS A 24 -2.17 -3.12 -9.11
C LYS A 24 -3.17 -2.10 -8.59
N GLY A 25 -3.81 -2.40 -7.45
CA GLY A 25 -4.79 -1.47 -6.88
C GLY A 25 -4.30 -0.82 -5.59
N CYS A 26 -5.19 -0.07 -4.94
CA CYS A 26 -4.84 0.64 -3.71
C CYS A 26 -4.39 -0.34 -2.62
N TRP A 27 -3.27 -0.01 -1.99
CA TRP A 27 -2.74 -0.85 -0.93
C TRP A 27 -3.71 -0.95 0.24
N LYS A 28 -4.02 0.19 0.86
CA LYS A 28 -4.94 0.21 2.00
C LYS A 28 -6.37 -0.16 1.60
N CYS A 29 -6.81 0.34 0.45
CA CYS A 29 -8.20 0.12 0.01
C CYS A 29 -8.38 -1.04 -0.99
N GLY A 30 -7.34 -1.39 -1.76
CA GLY A 30 -7.46 -2.48 -2.74
C GLY A 30 -7.89 -1.98 -4.13
N LYS A 31 -9.00 -1.24 -4.19
CA LYS A 31 -9.52 -0.69 -5.45
C LYS A 31 -8.39 -0.23 -6.38
N GLU A 32 -8.69 -0.12 -7.67
CA GLU A 32 -7.71 0.32 -8.66
C GLU A 32 -8.07 1.68 -9.27
N GLY A 33 -7.08 2.27 -9.94
CA GLY A 33 -7.27 3.56 -10.62
C GLY A 33 -6.94 4.76 -9.73
N HIS A 34 -6.06 4.58 -8.74
CA HIS A 34 -5.71 5.70 -7.86
C HIS A 34 -4.65 5.30 -6.82
N GLN A 35 -4.32 6.24 -5.93
CA GLN A 35 -3.35 5.99 -4.87
C GLN A 35 -4.08 5.24 -3.74
N MET A 36 -3.64 5.39 -2.50
CA MET A 36 -4.29 4.69 -1.40
C MET A 36 -5.42 5.56 -0.79
N LYS A 37 -5.07 6.81 -0.50
CA LYS A 37 -6.01 7.75 0.13
C LYS A 37 -7.18 8.16 -0.77
N ASP A 38 -6.87 8.44 -2.03
CA ASP A 38 -7.87 8.90 -3.00
C ASP A 38 -9.13 8.04 -3.00
N CYS A 39 -9.01 6.77 -2.63
CA CYS A 39 -10.13 5.84 -2.63
C CYS A 39 -10.83 5.77 -1.27
N THR A 40 -12.12 5.41 -1.31
CA THR A 40 -12.95 5.33 -0.12
C THR A 40 -12.65 4.07 0.70
N GLU A 41 -11.43 3.97 1.21
CA GLU A 41 -11.06 2.82 2.02
C GLU A 41 -11.97 2.68 3.23
N ARG A 42 -12.34 3.81 3.84
CA ARG A 42 -13.20 3.80 5.02
C ARG A 42 -14.05 5.06 5.07
N GLN A 43 -15.25 4.99 4.48
CA GLN A 43 -16.16 6.14 4.47
C GLN A 43 -16.58 6.48 5.89
N ALA A 44 -16.84 5.44 6.68
CA ALA A 44 -17.25 5.61 8.06
C ALA A 44 -16.38 6.68 8.73
N ASN A 45 -16.99 7.49 9.61
CA ASN A 45 -16.25 8.54 10.30
C ASN A 45 -16.16 9.80 9.44
N LYS A 1 10.93 2.56 14.10
CA LYS A 1 11.49 2.85 12.75
C LYS A 1 11.16 1.71 11.79
N ASN A 2 10.87 0.54 12.33
CA ASN A 2 10.55 -0.62 11.50
C ASN A 2 9.08 -0.60 11.09
N VAL A 3 8.84 -0.37 9.80
CA VAL A 3 7.48 -0.33 9.27
C VAL A 3 7.30 -1.33 8.13
N LYS A 4 6.16 -2.02 8.10
CA LYS A 4 5.89 -3.00 7.06
C LYS A 4 5.70 -2.32 5.72
N CYS A 5 6.05 -3.01 4.62
CA CYS A 5 5.89 -2.42 3.29
C CYS A 5 4.58 -2.91 2.65
N PHE A 6 3.81 -1.98 2.07
CA PHE A 6 2.53 -2.34 1.43
C PHE A 6 2.75 -3.28 0.25
N ASN A 7 3.70 -2.90 -0.59
CA ASN A 7 4.04 -3.65 -1.79
C ASN A 7 4.62 -5.02 -1.47
N CYS A 8 5.16 -5.15 -0.27
CA CYS A 8 5.86 -6.37 0.08
C CYS A 8 5.48 -6.96 1.45
N GLY A 9 5.37 -6.12 2.47
CA GLY A 9 5.02 -6.60 3.81
C GLY A 9 6.25 -6.57 4.73
N LYS A 10 7.43 -6.71 4.13
CA LYS A 10 8.68 -6.69 4.90
C LYS A 10 8.81 -5.34 5.59
N GLU A 11 9.56 -5.30 6.68
CA GLU A 11 9.72 -4.05 7.42
C GLU A 11 11.05 -3.36 7.13
N GLY A 12 11.26 -2.22 7.79
CA GLY A 12 12.50 -1.45 7.63
C GLY A 12 12.45 -0.45 6.47
N HIS A 13 11.26 -0.21 5.91
CA HIS A 13 11.13 0.74 4.79
C HIS A 13 9.66 0.83 4.36
N THR A 14 9.41 1.42 3.18
CA THR A 14 8.03 1.52 2.66
C THR A 14 7.97 1.10 1.18
N ALA A 15 6.79 0.67 0.78
CA ALA A 15 6.51 0.20 -0.60
C ALA A 15 7.55 0.63 -1.64
N ARG A 16 7.69 1.93 -1.90
CA ARG A 16 8.61 2.40 -2.94
C ARG A 16 10.03 1.87 -2.74
N ASN A 17 10.49 1.83 -1.50
CA ASN A 17 11.85 1.37 -1.23
C ASN A 17 12.05 -0.12 -1.50
N CYS A 18 11.03 -0.95 -1.26
CA CYS A 18 11.19 -2.38 -1.49
C CYS A 18 11.28 -2.68 -2.99
N ARG A 19 12.22 -3.53 -3.37
CA ARG A 19 12.39 -3.89 -4.78
C ARG A 19 11.17 -4.64 -5.29
N ALA A 20 10.63 -5.50 -4.44
CA ALA A 20 9.46 -6.32 -4.79
C ALA A 20 8.49 -5.57 -5.71
N PRO A 21 7.60 -6.30 -6.33
CA PRO A 21 6.59 -5.73 -7.29
C PRO A 21 5.51 -4.89 -6.59
N ARG A 22 4.95 -3.93 -7.33
CA ARG A 22 3.92 -3.06 -6.80
C ARG A 22 2.53 -3.67 -7.00
N LYS A 23 1.52 -3.04 -6.42
CA LYS A 23 0.14 -3.51 -6.52
C LYS A 23 -0.64 -2.64 -7.52
N LYS A 24 -1.38 -3.29 -8.42
CA LYS A 24 -2.15 -2.54 -9.42
C LYS A 24 -3.22 -1.68 -8.74
N GLY A 25 -3.87 -2.23 -7.72
CA GLY A 25 -4.92 -1.51 -7.00
C GLY A 25 -4.38 -0.81 -5.75
N CYS A 26 -5.27 -0.06 -5.09
CA CYS A 26 -4.90 0.67 -3.89
C CYS A 26 -4.47 -0.29 -2.78
N TRP A 27 -3.27 -0.08 -2.24
CA TRP A 27 -2.75 -0.94 -1.17
C TRP A 27 -3.72 -0.99 0.02
N LYS A 28 -4.10 0.19 0.50
CA LYS A 28 -4.99 0.28 1.66
C LYS A 28 -6.43 -0.13 1.35
N CYS A 29 -6.93 0.30 0.20
CA CYS A 29 -8.34 0.06 -0.16
C CYS A 29 -8.57 -1.08 -1.17
N GLY A 30 -7.58 -1.39 -2.01
CA GLY A 30 -7.76 -2.47 -3.00
C GLY A 30 -8.11 -1.96 -4.41
N LYS A 31 -9.19 -1.17 -4.51
CA LYS A 31 -9.63 -0.64 -5.82
C LYS A 31 -8.47 -0.13 -6.68
N GLU A 32 -8.77 0.22 -7.95
CA GLU A 32 -7.73 0.70 -8.89
C GLU A 32 -8.04 2.12 -9.39
N GLY A 33 -7.06 2.72 -10.07
CA GLY A 33 -7.23 4.05 -10.66
C GLY A 33 -6.92 5.20 -9.70
N HIS A 34 -6.10 4.95 -8.68
CA HIS A 34 -5.77 6.02 -7.73
C HIS A 34 -4.70 5.56 -6.71
N GLN A 35 -4.49 6.38 -5.66
CA GLN A 35 -3.51 6.06 -4.61
C GLN A 35 -4.20 5.26 -3.50
N MET A 36 -3.69 5.32 -2.27
CA MET A 36 -4.29 4.57 -1.17
C MET A 36 -5.45 5.36 -0.52
N LYS A 37 -5.20 6.63 -0.21
CA LYS A 37 -6.20 7.49 0.47
C LYS A 37 -7.36 7.95 -0.42
N ASP A 38 -7.05 8.34 -1.64
CA ASP A 38 -8.05 8.88 -2.57
C ASP A 38 -9.29 8.00 -2.77
N CYS A 39 -9.20 6.72 -2.48
CA CYS A 39 -10.34 5.81 -2.69
C CYS A 39 -11.14 5.58 -1.42
N THR A 40 -12.43 5.29 -1.62
CA THR A 40 -13.35 5.03 -0.51
C THR A 40 -12.82 3.90 0.36
N GLU A 41 -11.74 4.19 1.09
CA GLU A 41 -11.13 3.19 1.96
C GLU A 41 -11.89 3.07 3.27
N ARG A 42 -11.83 1.90 3.89
CA ARG A 42 -12.51 1.67 5.16
C ARG A 42 -11.65 0.81 6.07
N GLN A 43 -10.73 1.45 6.78
CA GLN A 43 -9.84 0.73 7.69
C GLN A 43 -10.67 0.07 8.78
N ALA A 44 -11.66 0.80 9.28
CA ALA A 44 -12.52 0.25 10.33
C ALA A 44 -13.26 -0.96 9.80
N ASN A 45 -13.67 -0.90 8.53
CA ASN A 45 -14.39 -2.02 7.90
C ASN A 45 -15.41 -2.62 8.86
N LYS A 1 10.67 1.52 15.29
CA LYS A 1 10.81 2.43 14.13
C LYS A 1 10.77 1.62 12.83
N ASN A 2 10.14 0.45 12.87
CA ASN A 2 10.05 -0.40 11.68
C ASN A 2 8.61 -0.44 11.15
N VAL A 3 8.46 -0.37 9.83
CA VAL A 3 7.14 -0.40 9.21
C VAL A 3 7.07 -1.44 8.10
N LYS A 4 5.98 -2.19 8.05
CA LYS A 4 5.82 -3.21 7.01
C LYS A 4 5.52 -2.55 5.67
N CYS A 5 5.97 -3.17 4.57
CA CYS A 5 5.73 -2.58 3.26
C CYS A 5 4.43 -3.13 2.65
N PHE A 6 3.62 -2.24 2.07
CA PHE A 6 2.36 -2.65 1.47
C PHE A 6 2.59 -3.60 0.29
N ASN A 7 3.52 -3.21 -0.56
CA ASN A 7 3.88 -3.99 -1.75
C ASN A 7 4.46 -5.35 -1.39
N CYS A 8 5.20 -5.36 -0.29
CA CYS A 8 5.95 -6.55 0.08
C CYS A 8 5.59 -7.10 1.47
N GLY A 9 5.47 -6.23 2.47
CA GLY A 9 5.14 -6.67 3.83
C GLY A 9 6.37 -6.60 4.74
N LYS A 10 7.56 -6.72 4.15
CA LYS A 10 8.79 -6.64 4.92
C LYS A 10 8.91 -5.25 5.53
N GLU A 11 9.66 -5.13 6.62
CA GLU A 11 9.77 -3.84 7.30
C GLU A 11 11.12 -3.16 7.04
N GLY A 12 11.26 -1.95 7.60
CA GLY A 12 12.48 -1.16 7.44
C GLY A 12 12.37 -0.14 6.31
N HIS A 13 11.21 -0.09 5.65
CA HIS A 13 11.00 0.83 4.54
C HIS A 13 9.51 0.83 4.15
N THR A 14 9.19 1.39 2.98
CA THR A 14 7.80 1.39 2.53
C THR A 14 7.69 1.07 1.02
N ALA A 15 6.62 0.36 0.69
CA ALA A 15 6.31 -0.07 -0.68
C ALA A 15 7.29 0.44 -1.76
N ARG A 16 7.39 1.76 -1.91
CA ARG A 16 8.25 2.31 -2.97
C ARG A 16 9.71 1.89 -2.80
N ASN A 17 10.20 1.91 -1.58
CA ASN A 17 11.60 1.56 -1.30
C ASN A 17 11.90 0.09 -1.55
N CYS A 18 10.96 -0.80 -1.26
CA CYS A 18 11.21 -2.22 -1.45
C CYS A 18 11.35 -2.55 -2.93
N ARG A 19 12.26 -3.46 -3.25
CA ARG A 19 12.46 -3.86 -4.64
C ARG A 19 11.21 -4.57 -5.17
N ALA A 20 10.58 -5.36 -4.29
CA ALA A 20 9.39 -6.11 -4.64
C ALA A 20 8.53 -5.37 -5.67
N PRO A 21 7.64 -6.09 -6.30
CA PRO A 21 6.72 -5.54 -7.33
C PRO A 21 5.57 -4.75 -6.69
N ARG A 22 5.06 -3.76 -7.41
CA ARG A 22 3.96 -2.95 -6.91
C ARG A 22 2.63 -3.66 -7.07
N LYS A 23 1.67 -3.29 -6.24
CA LYS A 23 0.33 -3.87 -6.29
C LYS A 23 -0.49 -3.11 -7.34
N LYS A 24 -1.37 -3.82 -8.04
CA LYS A 24 -2.17 -3.18 -9.08
C LYS A 24 -3.10 -2.09 -8.54
N GLY A 25 -3.77 -2.35 -7.41
CA GLY A 25 -4.71 -1.36 -6.88
C GLY A 25 -4.24 -0.71 -5.58
N CYS A 26 -5.09 0.19 -5.08
CA CYS A 26 -4.81 0.91 -3.85
C CYS A 26 -4.50 -0.07 -2.72
N TRP A 27 -3.24 -0.11 -2.31
CA TRP A 27 -2.81 -1.01 -1.25
C TRP A 27 -3.86 -1.10 -0.14
N LYS A 28 -4.22 0.05 0.43
CA LYS A 28 -5.19 0.08 1.53
C LYS A 28 -6.61 -0.31 1.12
N CYS A 29 -7.03 0.17 -0.04
CA CYS A 29 -8.41 -0.06 -0.50
C CYS A 29 -8.55 -1.20 -1.54
N GLY A 30 -7.59 -1.31 -2.46
CA GLY A 30 -7.60 -2.39 -3.46
C GLY A 30 -8.40 -2.08 -4.75
N LYS A 31 -9.23 -1.03 -4.75
CA LYS A 31 -10.06 -0.70 -5.92
C LYS A 31 -9.28 -0.41 -7.21
N GLU A 32 -8.20 0.36 -7.14
CA GLU A 32 -7.38 0.68 -8.34
C GLU A 32 -7.78 2.04 -8.93
N GLY A 33 -6.90 2.59 -9.78
CA GLY A 33 -7.18 3.85 -10.47
C GLY A 33 -6.87 5.10 -9.63
N HIS A 34 -6.04 4.98 -8.61
CA HIS A 34 -5.73 6.15 -7.77
C HIS A 34 -4.67 5.79 -6.71
N GLN A 35 -4.43 6.71 -5.77
CA GLN A 35 -3.47 6.46 -4.69
C GLN A 35 -4.13 5.53 -3.66
N MET A 36 -3.69 5.57 -2.41
CA MET A 36 -4.26 4.71 -1.39
C MET A 36 -5.37 5.45 -0.63
N LYS A 37 -5.04 6.64 -0.14
CA LYS A 37 -5.97 7.45 0.65
C LYS A 37 -7.12 8.03 -0.18
N ASP A 38 -6.79 8.50 -1.36
CA ASP A 38 -7.75 9.14 -2.25
C ASP A 38 -9.05 8.33 -2.44
N CYS A 39 -8.94 7.01 -2.36
CA CYS A 39 -10.11 6.16 -2.58
C CYS A 39 -10.84 5.82 -1.29
N THR A 40 -12.13 5.48 -1.44
CA THR A 40 -12.98 5.14 -0.30
C THR A 40 -12.38 3.99 0.48
N GLU A 41 -11.27 4.25 1.15
CA GLU A 41 -10.59 3.23 1.92
C GLU A 41 -11.16 3.17 3.34
N ARG A 42 -10.88 2.08 4.05
CA ARG A 42 -11.37 1.92 5.40
C ARG A 42 -12.83 2.38 5.49
N GLN A 43 -13.73 1.55 4.99
CA GLN A 43 -15.14 1.87 5.00
C GLN A 43 -15.64 1.96 6.44
N ALA A 44 -15.11 1.09 7.30
CA ALA A 44 -15.50 1.11 8.71
C ALA A 44 -15.08 2.44 9.34
N ASN A 45 -13.91 2.93 8.93
CA ASN A 45 -13.40 4.20 9.45
C ASN A 45 -13.07 4.07 10.94
N LYS A 1 11.40 2.06 15.04
CA LYS A 1 11.47 2.92 13.82
C LYS A 1 11.36 2.05 12.56
N ASN A 2 10.84 0.84 12.72
CA ASN A 2 10.69 -0.10 11.60
C ASN A 2 9.23 -0.16 11.15
N VAL A 3 9.02 -0.27 9.84
CA VAL A 3 7.66 -0.33 9.29
C VAL A 3 7.54 -1.45 8.27
N LYS A 4 6.43 -2.19 8.32
CA LYS A 4 6.20 -3.26 7.35
C LYS A 4 5.69 -2.65 6.07
N CYS A 5 6.11 -3.22 4.94
CA CYS A 5 5.69 -2.69 3.66
C CYS A 5 4.32 -3.27 3.25
N PHE A 6 3.38 -2.38 2.86
CA PHE A 6 2.04 -2.81 2.45
C PHE A 6 2.12 -3.65 1.18
N ASN A 7 2.89 -3.12 0.24
CA ASN A 7 3.10 -3.74 -1.06
C ASN A 7 3.98 -4.97 -1.00
N CYS A 8 4.87 -5.00 -0.03
CA CYS A 8 5.85 -6.07 0.03
C CYS A 8 5.92 -6.80 1.40
N GLY A 9 5.36 -6.21 2.46
CA GLY A 9 5.38 -6.83 3.79
C GLY A 9 6.72 -6.62 4.52
N LYS A 10 7.82 -6.88 3.82
CA LYS A 10 9.14 -6.69 4.41
C LYS A 10 9.19 -5.36 5.17
N GLU A 11 10.10 -5.26 6.14
CA GLU A 11 10.19 -4.05 6.96
C GLU A 11 11.49 -3.29 6.70
N GLY A 12 11.67 -2.19 7.45
CA GLY A 12 12.86 -1.36 7.32
C GLY A 12 12.77 -0.43 6.11
N HIS A 13 11.54 -0.17 5.66
CA HIS A 13 11.35 0.70 4.49
C HIS A 13 9.87 0.82 4.18
N THR A 14 9.55 1.37 3.00
CA THR A 14 8.16 1.50 2.59
C THR A 14 7.95 1.08 1.14
N ALA A 15 6.72 0.63 0.87
CA ALA A 15 6.29 0.17 -0.46
C ALA A 15 7.16 0.66 -1.62
N ARG A 16 7.37 1.96 -1.72
CA ARG A 16 8.16 2.49 -2.83
C ARG A 16 9.59 1.93 -2.81
N ASN A 17 10.19 1.89 -1.63
CA ASN A 17 11.58 1.42 -1.46
C ASN A 17 11.77 -0.06 -1.75
N CYS A 18 10.79 -0.90 -1.39
CA CYS A 18 10.92 -2.35 -1.60
C CYS A 18 11.12 -2.63 -3.08
N ARG A 19 12.06 -3.50 -3.41
CA ARG A 19 12.32 -3.81 -4.80
C ARG A 19 11.09 -4.43 -5.45
N ALA A 20 10.46 -5.37 -4.74
CA ALA A 20 9.28 -6.05 -5.28
C ALA A 20 8.41 -5.10 -6.07
N PRO A 21 7.49 -5.66 -6.82
CA PRO A 21 6.55 -4.89 -7.67
C PRO A 21 5.42 -4.29 -6.83
N ARG A 22 4.92 -3.15 -7.26
CA ARG A 22 3.86 -2.47 -6.57
C ARG A 22 2.52 -3.19 -6.78
N LYS A 23 1.58 -2.97 -5.86
CA LYS A 23 0.26 -3.60 -5.97
C LYS A 23 -0.60 -2.78 -6.94
N LYS A 24 -1.24 -3.45 -7.89
CA LYS A 24 -2.06 -2.74 -8.86
C LYS A 24 -3.23 -2.04 -8.16
N GLY A 25 -3.87 -2.76 -7.23
CA GLY A 25 -5.01 -2.23 -6.47
C GLY A 25 -4.55 -1.44 -5.26
N CYS A 26 -5.29 -0.37 -4.95
CA CYS A 26 -4.95 0.46 -3.80
C CYS A 26 -4.68 -0.42 -2.60
N TRP A 27 -3.47 -0.33 -2.03
CA TRP A 27 -3.11 -1.16 -0.91
C TRP A 27 -4.22 -1.15 0.17
N LYS A 28 -4.57 0.04 0.66
CA LYS A 28 -5.60 0.16 1.71
C LYS A 28 -7.01 -0.13 1.22
N CYS A 29 -7.34 0.34 0.02
CA CYS A 29 -8.71 0.21 -0.51
C CYS A 29 -8.89 -0.90 -1.55
N GLY A 30 -7.83 -1.31 -2.24
CA GLY A 30 -7.96 -2.38 -3.24
C GLY A 30 -8.20 -1.85 -4.69
N LYS A 31 -9.21 -0.98 -4.85
CA LYS A 31 -9.54 -0.41 -6.18
C LYS A 31 -8.27 0.04 -6.94
N GLU A 32 -8.37 0.20 -8.27
CA GLU A 32 -7.21 0.62 -9.09
C GLU A 32 -7.39 2.02 -9.69
N GLY A 33 -6.29 2.59 -10.16
CA GLY A 33 -6.31 3.89 -10.81
C GLY A 33 -6.08 5.05 -9.85
N HIS A 34 -5.39 4.81 -8.75
CA HIS A 34 -5.16 5.89 -7.79
C HIS A 34 -4.24 5.44 -6.64
N GLN A 35 -4.08 6.30 -5.62
CA GLN A 35 -3.25 5.95 -4.47
C GLN A 35 -4.12 5.21 -3.44
N MET A 36 -3.72 5.22 -2.16
CA MET A 36 -4.48 4.54 -1.12
C MET A 36 -5.60 5.45 -0.57
N LYS A 37 -5.21 6.68 -0.21
CA LYS A 37 -6.14 7.66 0.38
C LYS A 37 -7.26 8.16 -0.56
N ASP A 38 -6.90 8.45 -1.80
CA ASP A 38 -7.84 9.00 -2.77
C ASP A 38 -9.12 8.16 -2.97
N CYS A 39 -9.02 6.85 -2.74
CA CYS A 39 -10.17 5.96 -2.94
C CYS A 39 -10.94 5.69 -1.67
N THR A 40 -12.14 5.14 -1.81
CA THR A 40 -12.99 4.86 -0.65
C THR A 40 -12.32 3.89 0.31
N GLU A 41 -11.24 4.32 0.92
CA GLU A 41 -10.53 3.46 1.83
C GLU A 41 -11.09 3.53 3.26
N ARG A 42 -12.01 4.45 3.54
CA ARG A 42 -12.60 4.55 4.89
C ARG A 42 -14.01 3.98 4.90
N GLN A 43 -14.18 2.79 4.35
CA GLN A 43 -15.50 2.16 4.33
C GLN A 43 -15.88 1.78 5.75
N ALA A 44 -14.93 1.22 6.49
CA ALA A 44 -15.16 0.84 7.86
C ALA A 44 -15.11 2.07 8.76
N ASN A 45 -16.07 2.19 9.68
CA ASN A 45 -16.11 3.33 10.58
C ASN A 45 -14.73 3.91 10.82
N LYS A 1 13.08 1.62 11.18
CA LYS A 1 12.96 0.66 10.04
C LYS A 1 12.02 -0.48 10.45
N ASN A 2 11.03 -0.17 11.27
CA ASN A 2 10.07 -1.16 11.73
C ASN A 2 8.72 -0.94 11.08
N VAL A 3 8.72 -0.76 9.76
CA VAL A 3 7.48 -0.54 9.02
C VAL A 3 7.33 -1.60 7.92
N LYS A 4 6.12 -2.15 7.81
CA LYS A 4 5.88 -3.15 6.78
C LYS A 4 5.66 -2.42 5.45
N CYS A 5 6.15 -3.00 4.38
CA CYS A 5 6.00 -2.41 3.05
C CYS A 5 4.70 -2.92 2.42
N PHE A 6 3.87 -2.02 1.91
CA PHE A 6 2.62 -2.46 1.27
C PHE A 6 2.92 -3.32 0.05
N ASN A 7 3.89 -2.86 -0.73
CA ASN A 7 4.32 -3.55 -1.95
C ASN A 7 5.08 -4.83 -1.67
N CYS A 8 5.66 -4.91 -0.48
CA CYS A 8 6.50 -6.04 -0.14
C CYS A 8 5.99 -6.83 1.08
N GLY A 9 5.58 -6.13 2.12
CA GLY A 9 5.08 -6.77 3.33
C GLY A 9 6.20 -6.94 4.36
N LYS A 10 7.40 -7.24 3.87
CA LYS A 10 8.54 -7.41 4.76
C LYS A 10 8.95 -6.06 5.30
N GLU A 11 9.18 -5.97 6.61
CA GLU A 11 9.53 -4.69 7.21
C GLU A 11 10.85 -4.18 6.65
N GLY A 12 11.36 -3.10 7.24
CA GLY A 12 12.60 -2.48 6.79
C GLY A 12 12.30 -1.13 6.15
N HIS A 13 11.12 -1.01 5.54
CA HIS A 13 10.74 0.24 4.90
C HIS A 13 9.25 0.22 4.55
N THR A 14 8.84 1.24 3.83
CA THR A 14 7.46 1.36 3.38
C THR A 14 7.31 0.61 2.07
N ALA A 15 6.58 1.15 1.09
CA ALA A 15 6.39 0.47 -0.21
C ALA A 15 7.31 0.98 -1.33
N ARG A 16 7.47 2.31 -1.45
CA ARG A 16 8.30 2.87 -2.53
C ARG A 16 9.79 2.48 -2.43
N ASN A 17 10.36 2.56 -1.24
CA ASN A 17 11.78 2.24 -1.04
C ASN A 17 12.11 0.80 -1.45
N CYS A 18 11.09 -0.04 -1.57
CA CYS A 18 11.31 -1.42 -1.92
C CYS A 18 11.17 -1.68 -3.42
N ARG A 19 12.16 -2.36 -4.01
CA ARG A 19 12.13 -2.68 -5.43
C ARG A 19 11.00 -3.65 -5.74
N ALA A 20 10.77 -4.57 -4.78
CA ALA A 20 9.72 -5.58 -4.92
C ALA A 20 8.56 -5.08 -5.78
N PRO A 21 7.73 -5.99 -6.22
CA PRO A 21 6.55 -5.65 -7.08
C PRO A 21 5.49 -4.91 -6.28
N ARG A 22 4.63 -4.17 -6.97
CA ARG A 22 3.59 -3.41 -6.26
C ARG A 22 2.21 -3.97 -6.54
N LYS A 23 1.27 -3.58 -5.69
CA LYS A 23 -0.10 -4.02 -5.81
C LYS A 23 -0.80 -3.27 -6.93
N LYS A 24 -1.52 -3.98 -7.78
CA LYS A 24 -2.22 -3.35 -8.89
C LYS A 24 -3.22 -2.32 -8.36
N GLY A 25 -3.97 -2.72 -7.34
CA GLY A 25 -4.96 -1.84 -6.75
C GLY A 25 -4.45 -1.12 -5.50
N CYS A 26 -5.28 -0.23 -4.95
CA CYS A 26 -4.92 0.53 -3.76
C CYS A 26 -4.61 -0.40 -2.58
N TRP A 27 -3.58 -0.05 -1.80
CA TRP A 27 -3.19 -0.86 -0.66
C TRP A 27 -4.25 -0.80 0.45
N LYS A 28 -4.52 0.41 0.95
CA LYS A 28 -5.51 0.59 2.02
C LYS A 28 -6.93 0.28 1.55
N CYS A 29 -7.24 0.68 0.33
CA CYS A 29 -8.61 0.54 -0.19
C CYS A 29 -8.82 -0.69 -1.10
N GLY A 30 -7.79 -1.13 -1.82
CA GLY A 30 -7.93 -2.31 -2.71
C GLY A 30 -8.23 -1.91 -4.16
N LYS A 31 -9.25 -1.08 -4.37
CA LYS A 31 -9.65 -0.63 -5.73
C LYS A 31 -8.42 -0.27 -6.59
N GLU A 32 -8.66 0.07 -7.88
CA GLU A 32 -7.55 0.40 -8.81
C GLU A 32 -7.72 1.79 -9.45
N GLY A 33 -6.64 2.25 -10.11
CA GLY A 33 -6.65 3.53 -10.82
C GLY A 33 -6.30 4.73 -9.94
N HIS A 34 -5.59 4.52 -8.83
CA HIS A 34 -5.25 5.66 -7.96
C HIS A 34 -4.31 5.24 -6.82
N GLN A 35 -4.08 6.17 -5.87
CA GLN A 35 -3.21 5.88 -4.72
C GLN A 35 -4.03 5.23 -3.60
N MET A 36 -3.55 5.29 -2.35
CA MET A 36 -4.27 4.67 -1.25
C MET A 36 -5.40 5.59 -0.74
N LYS A 37 -5.05 6.85 -0.48
CA LYS A 37 -6.00 7.83 0.06
C LYS A 37 -7.08 8.27 -0.92
N ASP A 38 -6.68 8.51 -2.16
CA ASP A 38 -7.60 8.99 -3.20
C ASP A 38 -8.87 8.16 -3.33
N CYS A 39 -8.87 6.93 -2.82
CA CYS A 39 -10.05 6.05 -2.94
C CYS A 39 -10.75 5.83 -1.60
N THR A 40 -12.04 5.49 -1.68
CA THR A 40 -12.85 5.25 -0.48
C THR A 40 -12.23 4.19 0.41
N GLU A 41 -11.10 4.54 1.04
CA GLU A 41 -10.41 3.62 1.93
C GLU A 41 -10.92 3.74 3.36
N ARG A 42 -11.94 4.58 3.58
CA ARG A 42 -12.49 4.77 4.91
C ARG A 42 -13.98 4.44 4.92
N GLN A 43 -14.30 3.15 4.73
CA GLN A 43 -15.69 2.71 4.71
C GLN A 43 -16.34 2.96 6.07
N ALA A 44 -15.64 2.60 7.14
CA ALA A 44 -16.14 2.78 8.48
C ALA A 44 -16.04 4.26 8.91
N ASN A 45 -16.98 4.72 9.74
CA ASN A 45 -16.98 6.11 10.21
C ASN A 45 -16.05 6.98 9.37
#